data_3E5K
#
_entry.id   3E5K
#
_cell.length_a   143.725
_cell.length_b   143.725
_cell.length_c   70.943
_cell.angle_alpha   90.00
_cell.angle_beta   90.00
_cell.angle_gamma   120.00
#
_symmetry.space_group_name_H-M   'P 31 2 1'
#
loop_
_entity.id
_entity.type
_entity.pdbx_description
1 polymer 'Cytochrome P450 (Cytochrome P450 hydroxylase)'
2 non-polymer 'PROTOPORPHYRIN IX CONTAINING FE'
3 non-polymer 4-PHENYL-1H-IMIDAZOLE
4 water water
#
_entity_poly.entity_id   1
_entity_poly.type   'polypeptide(L)'
_entity_poly.pdbx_seq_one_letter_code
;MPEPTADAPTVPKARSCPFLPPDGIADIRAAAPVTRATFTSGHEAWLVTGYEEVRALLRDSSFSVQVPHALHTQDGVVTQ
KPGRGSLLWQDEPEHTSDRKLLAKEFTVRRMQALRPNIQRIVDEHLDAIEARGGPVDLVKTFANAVPSMVISDLFGVPVE
RRAEFQDIAEAMMRVDQDAAATEAAGMRLGGLLYQLVQERRANPGDDLISALITTEDPDGVVDDMFLMNAAGTLLIAAHD
TTACMIGLGTALLLDSPDQLALLREDPSLVGNAVEELLRYLTIGQFGGERVATRDVELGGVRIAKGEQVVAHVLAADFDP
AFVEEPERFDITRRPAPHLAFGFGAHQCIGQQLARIELQIVFETLFRRLPGLRLAKPVEELRFRHDIVFYGVHELPVTWH
HHH
;
_entity_poly.pdbx_strand_id   A
#
loop_
_chem_comp.id
_chem_comp.type
_chem_comp.name
_chem_comp.formula
HEM non-polymer 'PROTOPORPHYRIN IX CONTAINING FE' 'C34 H32 Fe N4 O4'
PIM non-polymer 4-PHENYL-1H-IMIDAZOLE 'C9 H8 N2'
#
# COMPACT_ATOMS: atom_id res chain seq x y z
N PRO A 9 15.39 -17.80 -16.86
CA PRO A 9 15.12 -16.58 -17.66
C PRO A 9 14.69 -15.43 -16.74
N THR A 10 15.41 -14.31 -16.73
CA THR A 10 15.32 -13.41 -15.57
C THR A 10 14.23 -12.38 -15.74
N VAL A 11 13.43 -12.15 -14.69
CA VAL A 11 12.32 -11.24 -14.80
C VAL A 11 12.81 -9.82 -14.94
N PRO A 12 12.24 -9.14 -15.95
CA PRO A 12 12.60 -7.82 -16.46
C PRO A 12 12.18 -6.96 -15.30
N LYS A 13 13.03 -6.03 -14.89
CA LYS A 13 12.81 -5.16 -13.73
C LYS A 13 13.03 -3.73 -14.25
N ALA A 14 13.72 -3.62 -15.38
CA ALA A 14 14.22 -2.33 -15.86
C ALA A 14 13.11 -1.45 -16.44
N ARG A 15 13.17 -0.15 -16.12
CA ARG A 15 12.11 0.73 -16.62
C ARG A 15 12.62 1.81 -17.56
N SER A 16 12.20 1.78 -18.81
CA SER A 16 12.50 2.99 -19.53
C SER A 16 11.57 4.16 -19.23
N CYS A 17 10.38 4.00 -18.66
CA CYS A 17 9.47 5.05 -18.20
C CYS A 17 9.18 4.77 -16.72
N PRO A 18 9.48 5.73 -15.86
CA PRO A 18 9.29 5.36 -14.47
C PRO A 18 7.89 5.07 -13.98
N PHE A 19 6.86 5.62 -14.63
CA PHE A 19 5.47 5.30 -14.36
C PHE A 19 4.96 4.02 -15.03
N LEU A 20 5.77 3.28 -15.79
CA LEU A 20 5.12 2.19 -16.53
C LEU A 20 5.78 0.92 -16.02
N PRO A 21 5.11 -0.22 -16.22
CA PRO A 21 5.69 -1.52 -15.91
C PRO A 21 7.02 -1.65 -16.64
N PRO A 22 7.89 -2.57 -16.18
CA PRO A 22 9.14 -2.86 -16.89
C PRO A 22 8.86 -3.33 -18.31
N ASP A 23 9.71 -2.85 -19.22
CA ASP A 23 9.51 -3.14 -20.65
C ASP A 23 9.37 -4.61 -21.03
N GLY A 24 10.14 -5.50 -20.40
CA GLY A 24 9.96 -6.85 -20.86
C GLY A 24 8.64 -7.55 -20.60
N ILE A 25 7.95 -7.18 -19.53
CA ILE A 25 6.89 -7.97 -18.95
C ILE A 25 5.80 -8.22 -19.98
N ALA A 26 5.49 -7.25 -20.85
CA ALA A 26 4.44 -7.48 -21.81
C ALA A 26 4.76 -8.68 -22.70
N ASP A 27 6.02 -8.96 -23.03
CA ASP A 27 6.23 -10.01 -24.01
C ASP A 27 6.08 -11.38 -23.40
N ILE A 28 6.57 -11.46 -22.16
CA ILE A 28 6.44 -12.63 -21.33
C ILE A 28 4.99 -12.98 -21.17
N ARG A 29 4.14 -12.05 -20.73
CA ARG A 29 2.73 -12.34 -20.53
C ARG A 29 1.99 -12.79 -21.77
N ALA A 30 2.38 -12.27 -22.93
CA ALA A 30 1.62 -12.54 -24.14
C ALA A 30 1.98 -13.97 -24.53
N ALA A 31 3.23 -14.38 -24.34
CA ALA A 31 3.72 -15.75 -24.50
C ALA A 31 3.19 -16.70 -23.42
N ALA A 32 3.39 -16.38 -22.14
CA ALA A 32 3.09 -17.32 -21.05
C ALA A 32 2.79 -16.65 -19.72
N PRO A 33 1.49 -16.39 -19.50
CA PRO A 33 0.94 -15.70 -18.33
C PRO A 33 1.41 -16.46 -17.08
N VAL A 34 1.76 -17.72 -17.28
CA VAL A 34 2.29 -18.54 -16.20
C VAL A 34 3.57 -19.16 -16.71
N THR A 35 4.71 -18.93 -16.06
CA THR A 35 5.93 -19.32 -16.73
C THR A 35 7.14 -19.31 -15.82
N ARG A 36 8.14 -20.04 -16.26
CA ARG A 36 9.21 -20.23 -15.31
C ARG A 36 10.11 -19.01 -15.32
N ALA A 37 10.51 -18.50 -14.17
CA ALA A 37 11.61 -17.57 -14.33
C ALA A 37 12.51 -17.38 -13.12
N THR A 38 13.61 -16.66 -13.32
CA THR A 38 14.72 -16.58 -12.39
C THR A 38 14.55 -15.23 -11.69
N PHE A 39 14.53 -15.16 -10.36
CA PHE A 39 14.34 -13.91 -9.61
C PHE A 39 15.46 -13.02 -9.12
N THR A 40 15.18 -12.30 -8.03
CA THR A 40 16.08 -11.34 -7.38
C THR A 40 17.48 -11.98 -7.20
N SER A 41 17.55 -12.96 -6.30
CA SER A 41 18.82 -13.54 -5.87
C SER A 41 18.66 -14.98 -6.27
N GLY A 42 17.37 -15.31 -6.41
CA GLY A 42 16.91 -16.40 -7.25
C GLY A 42 17.79 -17.33 -8.05
N HIS A 43 17.33 -18.58 -8.12
CA HIS A 43 16.06 -19.01 -7.51
C HIS A 43 14.82 -18.26 -8.01
N GLU A 44 13.77 -18.88 -8.51
CA GLU A 44 13.62 -19.67 -9.72
C GLU A 44 12.22 -20.22 -9.46
N ALA A 45 11.22 -19.39 -9.67
CA ALA A 45 9.85 -19.80 -9.45
C ALA A 45 8.97 -19.60 -10.68
N TRP A 46 7.70 -19.94 -10.56
CA TRP A 46 6.68 -19.58 -11.53
C TRP A 46 6.39 -18.07 -11.47
N LEU A 47 6.39 -17.41 -12.62
CA LEU A 47 5.98 -16.01 -12.71
C LEU A 47 4.55 -16.02 -13.21
N VAL A 48 3.63 -15.36 -12.50
CA VAL A 48 2.32 -15.26 -13.08
C VAL A 48 2.02 -13.82 -13.42
N THR A 49 1.75 -13.58 -14.70
CA THR A 49 1.53 -12.23 -15.22
C THR A 49 0.16 -11.92 -15.84
N GLY A 50 -0.78 -12.85 -15.92
CA GLY A 50 -2.02 -12.60 -16.64
C GLY A 50 -3.05 -12.26 -15.59
N TYR A 51 -4.03 -11.44 -15.99
CA TYR A 51 -5.09 -11.07 -15.06
C TYR A 51 -5.93 -12.28 -14.61
N GLU A 52 -6.56 -13.00 -15.53
CA GLU A 52 -7.18 -14.27 -15.12
C GLU A 52 -6.30 -15.20 -14.27
N GLU A 53 -5.05 -15.30 -14.67
CA GLU A 53 -4.25 -16.22 -13.91
C GLU A 53 -3.90 -15.70 -12.53
N VAL A 54 -3.68 -14.39 -12.35
CA VAL A 54 -3.17 -14.01 -11.03
C VAL A 54 -4.41 -14.12 -10.16
N ARG A 55 -5.56 -13.93 -10.78
CA ARG A 55 -6.79 -14.01 -10.03
C ARG A 55 -7.00 -15.45 -9.65
N ALA A 56 -6.74 -16.43 -10.51
CA ALA A 56 -7.02 -17.80 -10.13
C ALA A 56 -5.99 -18.29 -9.09
N LEU A 57 -4.77 -17.78 -9.16
CA LEU A 57 -3.83 -18.11 -8.14
C LEU A 57 -4.29 -17.50 -6.83
N LEU A 58 -4.39 -16.20 -6.60
CA LEU A 58 -4.71 -15.70 -5.26
C LEU A 58 -5.98 -16.31 -4.67
N ARG A 59 -6.80 -16.83 -5.56
CA ARG A 59 -8.13 -17.26 -5.17
C ARG A 59 -8.10 -18.69 -4.63
N ASP A 60 -7.07 -19.47 -4.94
CA ASP A 60 -7.13 -20.89 -4.71
C ASP A 60 -6.48 -21.22 -3.39
N SER A 61 -7.32 -21.75 -2.48
CA SER A 61 -6.90 -21.89 -1.08
C SER A 61 -5.84 -22.99 -0.88
N SER A 62 -5.65 -23.83 -1.90
CA SER A 62 -4.53 -24.78 -1.92
C SER A 62 -3.09 -24.32 -2.17
N PHE A 63 -2.87 -23.01 -2.24
CA PHE A 63 -1.56 -22.37 -2.09
C PHE A 63 -1.43 -21.65 -0.76
N SER A 64 -0.22 -21.58 -0.22
CA SER A 64 -0.04 -21.02 1.11
C SER A 64 0.95 -19.90 0.87
N VAL A 65 1.18 -19.05 1.87
CA VAL A 65 2.01 -17.90 1.64
C VAL A 65 3.29 -17.94 2.43
N GLN A 66 4.25 -17.16 1.97
CA GLN A 66 5.61 -17.28 2.48
C GLN A 66 6.05 -15.83 2.29
N VAL A 67 7.02 -15.41 3.11
CA VAL A 67 7.49 -14.04 3.01
C VAL A 67 8.26 -14.01 1.69
N PRO A 68 8.07 -12.99 0.85
CA PRO A 68 8.64 -13.00 -0.50
C PRO A 68 10.08 -13.30 -0.95
N HIS A 69 11.14 -12.79 -0.31
CA HIS A 69 12.49 -12.81 -0.97
C HIS A 69 12.83 -13.98 -1.87
N LYS A 81 9.65 -13.64 9.53
CA LYS A 81 8.66 -14.61 10.01
C LYS A 81 7.50 -13.99 10.80
N PRO A 82 6.24 -14.38 10.49
CA PRO A 82 5.04 -13.69 11.02
C PRO A 82 5.09 -12.52 12.01
N GLY A 83 4.58 -12.63 13.23
CA GLY A 83 3.65 -13.66 13.69
C GLY A 83 2.25 -13.18 13.99
N ARG A 84 1.52 -13.90 14.82
CA ARG A 84 0.09 -13.65 14.95
C ARG A 84 -0.47 -12.25 15.11
N GLY A 85 -1.46 -12.04 14.23
CA GLY A 85 -2.30 -10.89 14.08
C GLY A 85 -1.66 -10.05 13.01
N SER A 86 -0.62 -10.54 12.35
CA SER A 86 -0.16 -9.69 11.28
C SER A 86 -0.75 -10.04 9.91
N LEU A 87 -1.22 -11.27 9.74
CA LEU A 87 -2.15 -11.63 8.67
C LEU A 87 -1.30 -11.83 7.42
N LEU A 88 -0.52 -10.81 7.07
CA LEU A 88 -0.07 -10.66 5.71
C LEU A 88 0.61 -11.94 5.32
N TRP A 89 1.48 -12.47 6.17
CA TRP A 89 2.09 -13.73 5.71
C TRP A 89 1.69 -14.96 6.52
N GLN A 90 0.56 -14.96 7.23
CA GLN A 90 0.16 -16.12 8.01
C GLN A 90 -0.56 -17.14 7.15
N ASP A 91 -0.30 -18.44 7.37
CA ASP A 91 -1.03 -19.51 6.72
C ASP A 91 -2.33 -19.79 7.46
N GLU A 92 -3.20 -20.55 6.80
CA GLU A 92 -4.39 -21.03 7.51
C GLU A 92 -3.99 -22.29 8.28
N PRO A 93 -4.63 -22.53 9.41
CA PRO A 93 -5.89 -21.99 9.88
C PRO A 93 -5.75 -20.66 10.61
N GLU A 94 -4.58 -20.31 11.12
CA GLU A 94 -4.59 -19.10 11.92
C GLU A 94 -4.67 -17.78 11.19
N HIS A 95 -4.42 -17.78 9.88
CA HIS A 95 -4.58 -16.52 9.20
C HIS A 95 -6.08 -16.24 9.31
N THR A 96 -6.85 -17.29 9.07
CA THR A 96 -8.28 -17.08 9.01
C THR A 96 -8.90 -16.68 10.35
N SER A 97 -8.39 -17.29 11.42
CA SER A 97 -8.98 -16.89 12.70
C SER A 97 -8.44 -15.58 13.21
N ASP A 98 -7.15 -15.36 12.97
CA ASP A 98 -6.55 -14.11 13.37
C ASP A 98 -7.25 -13.00 12.57
N ARG A 99 -7.53 -13.24 11.29
CA ARG A 99 -8.09 -12.13 10.52
C ARG A 99 -9.48 -11.88 11.05
N LYS A 100 -10.20 -12.95 11.33
CA LYS A 100 -11.55 -12.78 11.81
C LYS A 100 -11.56 -12.00 13.14
N LEU A 101 -10.57 -12.24 14.02
CA LEU A 101 -10.46 -11.37 15.19
C LEU A 101 -10.25 -9.90 14.97
N LEU A 102 -9.22 -9.54 14.21
CA LEU A 102 -8.90 -8.13 13.89
C LEU A 102 -10.08 -7.46 13.17
N ALA A 103 -10.67 -8.20 12.24
CA ALA A 103 -11.65 -7.59 11.34
C ALA A 103 -12.88 -7.23 12.17
N LYS A 104 -12.81 -7.72 13.39
CA LYS A 104 -14.05 -7.61 14.10
C LYS A 104 -14.10 -6.22 14.70
N GLU A 105 -12.99 -5.49 14.90
CA GLU A 105 -12.98 -4.13 15.48
C GLU A 105 -12.46 -3.21 14.40
N PHE A 106 -11.65 -3.78 13.51
CA PHE A 106 -11.13 -2.94 12.44
C PHE A 106 -12.11 -3.11 11.29
N THR A 107 -13.19 -2.35 11.28
CA THR A 107 -14.34 -2.61 10.43
C THR A 107 -14.57 -1.55 9.40
N VAL A 108 -15.50 -1.84 8.48
CA VAL A 108 -16.01 -0.77 7.64
C VAL A 108 -16.47 0.45 8.36
N ARG A 109 -17.15 0.28 9.48
CA ARG A 109 -17.66 1.47 10.11
C ARG A 109 -16.41 2.09 10.72
N ARG A 110 -15.50 1.37 11.36
CA ARG A 110 -14.47 2.17 11.97
C ARG A 110 -13.73 2.96 10.88
N MET A 111 -13.56 2.35 9.71
CA MET A 111 -12.91 3.04 8.60
C MET A 111 -13.69 4.22 8.05
N GLN A 112 -14.97 4.06 7.77
CA GLN A 112 -15.74 5.17 7.26
C GLN A 112 -15.77 6.29 8.26
N ALA A 113 -15.69 5.96 9.54
CA ALA A 113 -15.92 6.91 10.64
C ALA A 113 -14.81 7.92 10.80
N LEU A 114 -13.67 7.45 10.32
CA LEU A 114 -12.48 8.23 10.14
C LEU A 114 -12.42 9.34 9.06
N ARG A 115 -13.44 9.47 8.17
CA ARG A 115 -13.41 10.60 7.21
C ARG A 115 -13.10 11.99 7.81
N PRO A 116 -13.83 12.35 8.87
CA PRO A 116 -13.65 13.70 9.38
C PRO A 116 -12.22 13.90 9.87
N ASN A 117 -11.64 12.81 10.38
CA ASN A 117 -10.28 12.93 10.88
C ASN A 117 -9.34 13.12 9.70
N ILE A 118 -9.68 12.33 8.68
CA ILE A 118 -8.81 12.36 7.54
C ILE A 118 -8.92 13.76 6.95
N GLN A 119 -10.08 14.37 6.78
CA GLN A 119 -10.09 15.71 6.22
C GLN A 119 -9.33 16.73 7.12
N ARG A 120 -9.32 16.53 8.43
CA ARG A 120 -8.82 17.54 9.36
C ARG A 120 -7.34 17.36 9.23
N ILE A 121 -6.85 16.13 9.24
CA ILE A 121 -5.41 15.97 9.09
C ILE A 121 -4.90 16.51 7.72
N VAL A 122 -5.65 16.23 6.65
CA VAL A 122 -5.16 16.72 5.38
C VAL A 122 -5.20 18.25 5.37
N ASP A 123 -6.27 18.89 5.88
CA ASP A 123 -6.26 20.35 6.01
C ASP A 123 -5.12 20.90 6.86
N GLU A 124 -4.74 20.24 7.95
CA GLU A 124 -3.70 20.81 8.75
C GLU A 124 -2.42 20.75 7.97
N HIS A 125 -2.20 19.63 7.29
CA HIS A 125 -0.94 19.59 6.59
C HIS A 125 -0.86 20.58 5.41
N LEU A 126 -1.98 20.85 4.73
CA LEU A 126 -1.96 21.83 3.65
C LEU A 126 -1.81 23.21 4.25
N ASP A 127 -2.41 23.37 5.42
CA ASP A 127 -2.22 24.65 6.12
C ASP A 127 -0.76 25.05 6.38
N ALA A 128 0.01 24.07 6.86
CA ALA A 128 1.44 24.23 7.11
C ALA A 128 2.17 24.51 5.82
N ILE A 129 1.81 23.76 4.79
CA ILE A 129 2.48 23.94 3.53
C ILE A 129 2.14 25.34 3.01
N GLU A 130 0.91 25.83 3.10
CA GLU A 130 0.65 27.19 2.59
C GLU A 130 1.44 28.22 3.37
N ALA A 131 1.60 28.01 4.68
CA ALA A 131 2.44 28.87 5.52
C ALA A 131 3.88 28.96 5.03
N ARG A 132 4.73 27.94 5.00
CA ARG A 132 5.97 28.08 4.26
C ARG A 132 5.98 28.63 2.83
N GLY A 133 4.89 28.76 2.07
CA GLY A 133 5.01 29.04 0.63
C GLY A 133 5.76 27.97 -0.17
N GLY A 134 5.69 27.90 -1.50
CA GLY A 134 6.44 26.90 -2.22
C GLY A 134 7.76 27.39 -2.73
N PRO A 135 8.52 26.48 -3.35
CA PRO A 135 8.32 25.05 -3.53
C PRO A 135 8.34 24.29 -2.20
N VAL A 136 7.63 23.17 -2.10
CA VAL A 136 7.94 22.20 -1.07
C VAL A 136 8.08 20.83 -1.72
N ASP A 137 8.58 19.96 -0.86
CA ASP A 137 8.72 18.55 -1.11
C ASP A 137 7.50 17.88 -0.53
N LEU A 138 6.62 17.46 -1.43
CA LEU A 138 5.29 17.03 -1.01
C LEU A 138 5.37 15.69 -0.28
N VAL A 139 6.49 14.99 -0.49
CA VAL A 139 6.69 13.64 0.02
C VAL A 139 6.96 13.69 1.53
N LYS A 140 7.91 14.48 1.96
CA LYS A 140 8.01 14.80 3.36
C LYS A 140 6.91 15.55 4.05
N THR A 141 6.37 16.53 3.35
CA THR A 141 5.54 17.40 4.16
C THR A 141 4.12 16.92 4.09
N PHE A 142 3.76 15.90 3.31
CA PHE A 142 2.36 15.61 3.12
C PHE A 142 2.22 14.12 2.83
N ALA A 143 2.88 13.64 1.79
CA ALA A 143 2.55 12.26 1.48
C ALA A 143 2.95 11.29 2.58
N ASN A 144 4.14 11.44 3.16
CA ASN A 144 4.49 10.61 4.30
C ASN A 144 3.76 11.01 5.56
N ALA A 145 3.29 12.24 5.71
CA ALA A 145 2.85 12.59 7.04
C ALA A 145 1.38 12.29 7.18
N VAL A 146 0.59 12.36 6.11
CA VAL A 146 -0.84 12.12 6.37
C VAL A 146 -1.17 10.69 6.79
N PRO A 147 -0.74 9.68 6.02
CA PRO A 147 -1.24 8.33 6.29
C PRO A 147 -1.00 7.92 7.76
N SER A 148 0.20 8.26 8.12
CA SER A 148 0.75 8.03 9.45
C SER A 148 -0.04 8.73 10.54
N MET A 149 -0.48 9.93 10.27
CA MET A 149 -1.20 10.58 11.33
C MET A 149 -2.62 10.03 11.42
N VAL A 150 -3.07 9.36 10.36
CA VAL A 150 -4.45 8.89 10.36
C VAL A 150 -4.28 7.63 11.20
N ILE A 151 -3.19 6.86 11.05
CA ILE A 151 -3.04 5.71 11.92
C ILE A 151 -2.91 6.17 13.38
N SER A 152 -2.19 7.24 13.65
CA SER A 152 -2.10 7.72 15.03
C SER A 152 -3.53 7.95 15.51
N ASP A 153 -4.45 8.50 14.70
CA ASP A 153 -5.75 8.68 15.33
C ASP A 153 -6.46 7.36 15.55
N LEU A 154 -6.18 6.41 14.67
CA LEU A 154 -6.94 5.16 14.68
C LEU A 154 -6.50 4.41 15.94
N PHE A 155 -5.26 4.62 16.35
CA PHE A 155 -4.70 3.96 17.50
C PHE A 155 -5.03 4.76 18.77
N GLY A 156 -5.73 5.90 18.67
CA GLY A 156 -6.19 6.69 19.81
C GLY A 156 -4.99 7.47 20.35
N VAL A 157 -3.96 7.74 19.55
CA VAL A 157 -2.85 8.55 20.09
C VAL A 157 -3.31 9.95 20.44
N PRO A 158 -3.19 10.41 21.70
CA PRO A 158 -3.68 11.74 22.06
C PRO A 158 -2.94 12.86 21.37
N VAL A 159 -3.46 14.08 21.41
CA VAL A 159 -2.78 15.19 20.77
C VAL A 159 -1.32 15.29 21.26
N GLU A 160 -1.13 15.23 22.57
CA GLU A 160 0.21 15.59 23.02
C GLU A 160 1.23 14.49 22.73
N ARG A 161 0.79 13.30 22.29
CA ARG A 161 1.76 12.24 22.03
C ARG A 161 2.01 12.10 20.54
N ARG A 162 1.34 12.96 19.78
CA ARG A 162 1.47 12.85 18.35
C ARG A 162 2.83 13.16 17.74
N ALA A 163 3.55 14.19 18.18
CA ALA A 163 4.88 14.46 17.64
C ALA A 163 5.79 13.25 17.86
N GLU A 164 5.69 12.69 19.07
CA GLU A 164 6.51 11.54 19.35
C GLU A 164 6.15 10.46 18.32
N PHE A 165 4.85 10.31 18.05
CA PHE A 165 4.49 9.13 17.28
C PHE A 165 4.97 9.29 15.84
N GLN A 166 4.85 10.50 15.26
CA GLN A 166 5.33 10.80 13.92
C GLN A 166 6.80 10.53 13.80
N ASP A 167 7.58 10.99 14.79
CA ASP A 167 9.03 10.92 14.66
C ASP A 167 9.45 9.47 14.68
N ILE A 168 8.85 8.65 15.54
CA ILE A 168 9.37 7.32 15.69
C ILE A 168 8.96 6.56 14.46
N ALA A 169 7.75 6.82 13.96
CA ALA A 169 7.25 6.10 12.78
C ALA A 169 8.06 6.55 11.56
N GLU A 170 8.23 7.86 11.38
CA GLU A 170 8.97 8.35 10.26
C GLU A 170 10.38 7.72 10.32
N ALA A 171 11.03 7.82 11.47
CA ALA A 171 12.39 7.27 11.60
C ALA A 171 12.45 5.83 11.12
N MET A 172 11.44 5.01 11.37
CA MET A 172 11.79 3.63 11.05
C MET A 172 11.54 3.35 9.57
N MET A 173 10.83 4.32 9.02
CA MET A 173 10.43 4.17 7.66
C MET A 173 11.52 4.68 6.72
N ARG A 174 12.47 5.40 7.30
CA ARG A 174 13.49 6.15 6.57
C ARG A 174 14.55 5.23 5.99
N VAL A 175 14.94 5.43 4.74
CA VAL A 175 15.62 4.31 4.08
C VAL A 175 17.11 4.48 3.70
N ASP A 176 17.64 5.64 4.10
CA ASP A 176 18.99 6.06 3.76
C ASP A 176 19.90 5.91 4.98
N GLN A 177 19.97 4.72 5.58
CA GLN A 177 20.81 4.60 6.76
C GLN A 177 21.35 3.20 6.95
N ASP A 178 22.46 3.05 7.67
CA ASP A 178 23.09 1.76 7.90
C ASP A 178 22.12 0.81 8.61
N ALA A 179 22.42 -0.48 8.55
CA ALA A 179 21.49 -1.48 9.07
C ALA A 179 21.21 -1.31 10.58
N ALA A 180 22.30 -1.00 11.29
CA ALA A 180 22.40 -0.47 12.64
C ALA A 180 21.28 0.49 13.03
N ALA A 181 21.35 1.69 12.48
CA ALA A 181 20.31 2.69 12.68
C ALA A 181 18.88 2.28 12.27
N THR A 182 18.73 1.57 11.16
CA THR A 182 17.43 1.04 10.76
C THR A 182 16.87 0.16 11.86
N GLU A 183 17.65 -0.85 12.27
CA GLU A 183 17.17 -1.79 13.28
C GLU A 183 16.87 -1.12 14.60
N ALA A 184 17.72 -0.19 15.00
CA ALA A 184 17.39 0.65 16.12
C ALA A 184 16.05 1.33 15.91
N ALA A 185 15.84 1.98 14.77
CA ALA A 185 14.59 2.70 14.74
C ALA A 185 13.40 1.74 14.78
N GLY A 186 13.52 0.51 14.27
CA GLY A 186 12.37 -0.40 14.36
C GLY A 186 12.05 -0.86 15.78
N MET A 187 13.09 -1.35 16.44
CA MET A 187 13.07 -1.66 17.87
C MET A 187 12.43 -0.50 18.64
N ARG A 188 12.81 0.74 18.37
CA ARG A 188 12.05 1.77 19.08
C ARG A 188 10.55 1.84 18.72
N LEU A 189 10.22 1.54 17.47
CA LEU A 189 8.82 1.49 17.18
C LEU A 189 8.12 0.37 17.95
N GLY A 190 8.62 -0.86 17.85
CA GLY A 190 8.15 -1.99 18.63
C GLY A 190 7.90 -1.49 20.06
N GLY A 191 8.82 -0.70 20.60
CA GLY A 191 8.85 -0.48 22.03
C GLY A 191 7.70 0.46 22.22
N LEU A 192 7.61 1.48 21.36
CA LEU A 192 6.51 2.40 21.56
C LEU A 192 5.12 1.77 21.46
N LEU A 193 5.03 0.72 20.65
CA LEU A 193 3.68 0.21 20.42
C LEU A 193 3.27 -0.65 21.60
N TYR A 194 4.26 -1.37 22.11
CA TYR A 194 4.12 -1.98 23.41
C TYR A 194 3.74 -0.97 24.48
N GLN A 195 4.44 0.16 24.50
CA GLN A 195 4.02 1.12 25.51
C GLN A 195 2.56 1.49 25.23
N LEU A 196 2.22 1.68 23.96
CA LEU A 196 0.86 2.12 23.67
C LEU A 196 -0.24 1.12 24.05
N VAL A 197 -0.05 -0.15 23.73
CA VAL A 197 -1.02 -1.18 24.10
C VAL A 197 -1.23 -1.10 25.61
N GLN A 198 -0.17 -0.97 26.40
CA GLN A 198 -0.37 -0.86 27.85
C GLN A 198 -1.12 0.41 28.24
N GLU A 199 -0.94 1.53 27.55
CA GLU A 199 -1.65 2.68 28.09
C GLU A 199 -3.13 2.44 27.78
N ARG A 200 -3.42 1.68 26.73
CA ARG A 200 -4.83 1.55 26.40
C ARG A 200 -5.48 0.53 27.34
N ARG A 201 -4.75 -0.52 27.71
CA ARG A 201 -5.11 -1.40 28.84
C ARG A 201 -5.43 -0.58 30.05
N ALA A 202 -4.65 0.45 30.39
CA ALA A 202 -4.89 1.17 31.65
C ALA A 202 -6.11 2.05 31.44
N ASN A 203 -6.20 2.77 30.32
CA ASN A 203 -7.22 3.80 30.15
C ASN A 203 -7.80 3.68 28.77
N PRO A 204 -8.79 2.78 28.64
CA PRO A 204 -9.32 2.42 27.33
C PRO A 204 -10.18 3.55 26.83
N GLY A 205 -10.25 3.68 25.50
CA GLY A 205 -11.23 4.56 24.86
C GLY A 205 -11.87 4.04 23.59
N ASP A 206 -11.97 4.85 22.54
CA ASP A 206 -12.68 4.45 21.32
C ASP A 206 -11.83 3.87 20.22
N ASP A 207 -10.50 3.93 20.39
CA ASP A 207 -9.64 3.73 19.25
C ASP A 207 -9.66 2.24 18.93
N LEU A 208 -8.88 1.82 17.93
CA LEU A 208 -9.04 0.41 17.59
C LEU A 208 -8.27 -0.50 18.56
N ILE A 209 -7.29 0.04 19.27
CA ILE A 209 -6.52 -0.81 20.17
C ILE A 209 -7.26 -1.15 21.48
N SER A 210 -7.90 -0.19 22.12
CA SER A 210 -8.95 -0.39 23.12
C SER A 210 -9.98 -1.42 22.71
N ALA A 211 -10.54 -1.30 21.53
CA ALA A 211 -11.64 -2.16 21.14
C ALA A 211 -11.08 -3.57 20.88
N LEU A 212 -9.83 -3.72 20.43
CA LEU A 212 -9.32 -5.08 20.36
C LEU A 212 -9.14 -5.71 21.76
N ILE A 213 -8.70 -4.93 22.75
CA ILE A 213 -8.40 -5.45 24.05
C ILE A 213 -9.63 -6.09 24.72
N THR A 214 -10.83 -5.58 24.45
CA THR A 214 -12.13 -6.14 24.78
C THR A 214 -12.83 -7.05 23.77
N THR A 215 -12.22 -7.25 22.62
CA THR A 215 -12.94 -8.11 21.69
C THR A 215 -13.28 -9.49 22.29
N GLU A 216 -14.42 -10.10 21.98
CA GLU A 216 -14.58 -11.54 22.14
C GLU A 216 -13.42 -12.44 21.72
N ASP A 217 -12.82 -13.14 22.68
CA ASP A 217 -11.61 -13.88 22.35
C ASP A 217 -11.58 -15.12 23.24
N PRO A 218 -12.35 -16.19 22.91
CA PRO A 218 -12.35 -17.43 23.70
C PRO A 218 -10.96 -18.03 24.00
N ASP A 219 -10.07 -18.07 23.01
CA ASP A 219 -8.82 -18.80 23.20
C ASP A 219 -7.72 -17.83 23.64
N GLY A 220 -8.16 -16.64 24.08
CA GLY A 220 -7.33 -15.57 24.63
C GLY A 220 -6.17 -15.35 23.69
N VAL A 221 -6.41 -15.48 22.38
CA VAL A 221 -5.43 -15.22 21.32
C VAL A 221 -5.04 -13.73 21.24
N VAL A 222 -5.91 -12.83 21.68
CA VAL A 222 -5.49 -11.44 21.47
C VAL A 222 -4.61 -10.97 22.61
N ASP A 223 -3.31 -11.23 22.55
CA ASP A 223 -2.41 -10.75 23.64
C ASP A 223 -1.46 -9.67 23.18
N ASP A 224 -0.72 -9.04 24.08
CA ASP A 224 0.07 -7.87 23.74
C ASP A 224 0.85 -8.17 22.46
N MET A 225 1.17 -9.44 22.25
CA MET A 225 1.92 -9.64 21.02
C MET A 225 1.09 -9.62 19.75
N PHE A 226 -0.11 -10.18 19.83
CA PHE A 226 -1.02 -10.04 18.72
C PHE A 226 -1.35 -8.56 18.53
N LEU A 227 -1.64 -7.81 19.58
CA LEU A 227 -1.86 -6.42 19.22
C LEU A 227 -0.66 -5.73 18.53
N MET A 228 0.55 -6.11 18.94
CA MET A 228 1.68 -5.40 18.40
C MET A 228 1.85 -5.83 16.96
N ASN A 229 1.66 -7.11 16.65
CA ASN A 229 1.85 -7.48 15.25
C ASN A 229 0.85 -6.80 14.28
N ALA A 230 -0.38 -6.62 14.79
CA ALA A 230 -1.52 -6.16 13.99
C ALA A 230 -1.33 -4.64 13.92
N ALA A 231 -0.99 -4.02 15.03
CA ALA A 231 -0.77 -2.59 14.90
C ALA A 231 0.39 -2.21 13.99
N GLY A 232 1.43 -3.01 14.05
CA GLY A 232 2.57 -2.66 13.20
C GLY A 232 2.29 -3.00 11.76
N THR A 233 1.43 -3.99 11.47
CA THR A 233 1.12 -4.18 10.07
C THR A 233 0.30 -3.01 9.52
N LEU A 234 -0.71 -2.56 10.25
CA LEU A 234 -1.60 -1.47 9.84
C LEU A 234 -0.66 -0.32 9.61
N LEU A 235 0.32 -0.16 10.50
CA LEU A 235 0.95 1.13 10.40
C LEU A 235 1.94 1.02 9.23
N ILE A 236 2.62 -0.08 8.96
CA ILE A 236 3.47 -0.06 7.76
C ILE A 236 2.65 0.11 6.51
N ALA A 237 1.46 -0.48 6.42
CA ALA A 237 0.62 -0.37 5.24
C ALA A 237 0.33 1.07 4.93
N ALA A 238 -0.10 1.82 5.96
CA ALA A 238 -0.21 3.28 5.75
C ALA A 238 1.05 4.07 5.44
N HIS A 239 2.02 3.85 6.30
CA HIS A 239 3.18 4.71 6.19
C HIS A 239 4.03 4.43 4.96
N ASP A 240 3.79 3.31 4.31
CA ASP A 240 4.70 3.01 3.25
C ASP A 240 3.92 2.95 1.96
N THR A 241 2.99 2.00 1.89
CA THR A 241 2.25 1.82 0.69
C THR A 241 1.34 3.02 0.47
N THR A 242 0.67 3.48 1.52
CA THR A 242 -0.26 4.53 1.11
C THR A 242 0.54 5.76 0.79
N ALA A 243 1.59 6.03 1.57
CA ALA A 243 2.43 7.18 1.31
C ALA A 243 3.05 7.13 -0.07
N CYS A 244 3.40 5.93 -0.52
CA CYS A 244 4.04 5.84 -1.83
C CYS A 244 3.05 6.20 -2.89
N MET A 245 1.82 5.86 -2.55
CA MET A 245 0.80 5.93 -3.56
C MET A 245 0.39 7.40 -3.61
N ILE A 246 0.45 8.14 -2.51
CA ILE A 246 0.16 9.53 -2.75
C ILE A 246 1.27 10.29 -3.52
N GLY A 247 2.54 9.93 -3.34
CA GLY A 247 3.61 10.70 -3.97
C GLY A 247 3.70 10.33 -5.45
N LEU A 248 3.70 9.04 -5.76
CA LEU A 248 3.67 8.65 -7.16
C LEU A 248 2.43 9.14 -7.90
N GLY A 249 1.26 8.99 -7.30
CA GLY A 249 0.12 9.42 -8.08
C GLY A 249 0.09 10.92 -8.26
N THR A 250 0.44 11.69 -7.24
CA THR A 250 0.53 13.12 -7.52
C THR A 250 1.51 13.35 -8.70
N ALA A 251 2.66 12.69 -8.68
CA ALA A 251 3.75 12.91 -9.59
C ALA A 251 3.15 12.60 -10.96
N LEU A 252 2.33 11.55 -11.01
CA LEU A 252 1.95 11.00 -12.30
C LEU A 252 0.92 12.01 -12.81
N LEU A 253 0.09 12.48 -11.90
CA LEU A 253 -0.95 13.40 -12.39
C LEU A 253 -0.29 14.72 -12.77
N LEU A 254 0.76 15.15 -12.06
CA LEU A 254 1.30 16.45 -12.45
C LEU A 254 2.13 16.29 -13.74
N ASP A 255 2.28 15.07 -14.23
CA ASP A 255 3.00 14.87 -15.48
C ASP A 255 2.00 14.39 -16.51
N SER A 256 0.69 14.45 -16.32
CA SER A 256 -0.20 14.09 -17.39
C SER A 256 -1.25 15.18 -17.50
N PRO A 257 -0.90 16.19 -18.29
CA PRO A 257 -1.75 17.37 -18.38
C PRO A 257 -3.17 17.08 -18.87
N ASP A 258 -3.40 16.16 -19.80
CA ASP A 258 -4.73 15.86 -20.34
C ASP A 258 -5.61 15.37 -19.18
N GLN A 259 -5.04 14.56 -18.29
CA GLN A 259 -5.76 13.93 -17.21
C GLN A 259 -5.90 14.98 -16.13
N LEU A 260 -4.88 15.80 -15.97
CA LEU A 260 -5.05 16.71 -14.86
C LEU A 260 -6.13 17.74 -15.21
N ALA A 261 -6.16 18.10 -16.49
CA ALA A 261 -7.27 18.90 -16.95
C ALA A 261 -8.63 18.30 -16.68
N LEU A 262 -8.92 17.03 -17.03
CA LEU A 262 -10.23 16.43 -16.75
C LEU A 262 -10.52 16.63 -15.25
N LEU A 263 -9.48 16.41 -14.47
CA LEU A 263 -9.72 16.30 -13.01
C LEU A 263 -10.02 17.67 -12.44
N ARG A 264 -9.35 18.67 -13.00
CA ARG A 264 -9.55 20.07 -12.54
C ARG A 264 -10.82 20.64 -13.16
N GLU A 265 -11.26 20.31 -14.39
CA GLU A 265 -12.56 20.72 -14.67
C GLU A 265 -13.64 20.09 -13.89
N ASP A 266 -13.46 18.83 -13.47
CA ASP A 266 -14.55 18.05 -12.94
C ASP A 266 -14.05 17.11 -11.86
N PRO A 267 -14.02 17.70 -10.67
CA PRO A 267 -13.44 16.98 -9.52
C PRO A 267 -14.37 15.85 -9.19
N SER A 268 -15.56 15.78 -9.74
CA SER A 268 -16.30 14.59 -9.34
C SER A 268 -15.52 13.41 -9.93
N LEU A 269 -14.49 13.58 -10.78
CA LEU A 269 -13.80 12.39 -11.23
C LEU A 269 -12.72 11.86 -10.25
N VAL A 270 -12.47 12.51 -9.12
CA VAL A 270 -11.51 11.97 -8.16
C VAL A 270 -11.63 10.49 -7.82
N GLY A 271 -12.83 9.97 -7.56
CA GLY A 271 -12.89 8.59 -7.00
C GLY A 271 -12.46 7.73 -8.15
N ASN A 272 -12.97 8.00 -9.34
CA ASN A 272 -12.44 7.24 -10.47
C ASN A 272 -10.93 7.39 -10.77
N ALA A 273 -10.33 8.55 -10.51
CA ALA A 273 -8.91 8.74 -10.77
C ALA A 273 -8.16 7.94 -9.71
N VAL A 274 -8.73 7.91 -8.50
CA VAL A 274 -8.09 7.08 -7.49
C VAL A 274 -8.08 5.61 -7.92
N GLU A 275 -9.21 5.11 -8.44
CA GLU A 275 -9.15 3.69 -8.92
C GLU A 275 -8.16 3.49 -10.06
N GLU A 276 -8.09 4.41 -10.99
CA GLU A 276 -7.11 4.18 -12.10
C GLU A 276 -5.64 4.34 -11.65
N LEU A 277 -5.37 5.24 -10.69
CA LEU A 277 -4.07 5.37 -10.09
C LEU A 277 -3.72 4.05 -9.43
N LEU A 278 -4.65 3.42 -8.72
CA LEU A 278 -4.29 2.16 -8.13
C LEU A 278 -3.98 1.10 -9.19
N ARG A 279 -4.69 1.07 -10.31
CA ARG A 279 -4.45 0.01 -11.26
C ARG A 279 -3.10 0.39 -11.87
N TYR A 280 -2.84 1.66 -12.18
CA TYR A 280 -1.67 1.95 -12.99
C TYR A 280 -0.36 1.80 -12.22
N LEU A 281 -0.41 1.96 -10.90
CA LEU A 281 0.83 2.07 -10.16
C LEU A 281 1.11 0.93 -9.18
N THR A 282 0.08 0.12 -8.87
CA THR A 282 0.29 -0.84 -7.81
C THR A 282 1.17 -2.00 -8.18
N ILE A 283 2.27 -2.07 -7.44
CA ILE A 283 3.12 -3.25 -7.63
C ILE A 283 2.92 -4.40 -6.67
N GLY A 284 2.59 -4.16 -5.42
CA GLY A 284 2.54 -5.27 -4.44
C GLY A 284 3.77 -6.13 -4.19
N GLN A 285 4.97 -5.54 -4.27
CA GLN A 285 6.25 -6.15 -3.90
C GLN A 285 6.09 -6.96 -2.60
N PHE A 286 5.37 -6.46 -1.60
CA PHE A 286 5.15 -7.06 -0.29
C PHE A 286 4.27 -8.30 -0.24
N GLY A 287 3.50 -8.55 -1.29
CA GLY A 287 2.45 -9.54 -1.20
C GLY A 287 3.10 -10.87 -1.48
N GLY A 288 2.82 -11.82 -0.56
CA GLY A 288 3.31 -13.20 -0.50
C GLY A 288 3.55 -14.03 -1.76
N GLU A 289 4.76 -14.50 -1.99
CA GLU A 289 4.97 -15.73 -2.73
C GLU A 289 3.91 -16.74 -2.26
N ARG A 290 3.25 -17.37 -3.22
CA ARG A 290 2.49 -18.56 -2.86
C ARG A 290 3.34 -19.80 -3.13
N VAL A 291 2.92 -20.91 -2.51
CA VAL A 291 3.50 -22.21 -2.75
C VAL A 291 2.40 -23.29 -2.67
N ALA A 292 2.41 -24.29 -3.55
CA ALA A 292 1.44 -25.39 -3.41
C ALA A 292 2.08 -26.40 -2.45
N THR A 293 1.54 -26.83 -1.30
CA THR A 293 0.29 -27.50 -0.98
C THR A 293 -0.19 -28.84 -1.54
N ARG A 294 0.36 -29.35 -2.64
CA ARG A 294 -0.40 -30.25 -3.49
C ARG A 294 -0.29 -29.85 -4.96
N ASP A 295 -0.68 -30.70 -5.90
CA ASP A 295 -0.53 -30.32 -7.30
C ASP A 295 -1.68 -29.48 -7.82
N VAL A 296 -1.38 -28.67 -8.82
CA VAL A 296 -2.41 -27.82 -9.39
C VAL A 296 -2.12 -27.40 -10.82
N GLU A 297 -3.20 -27.25 -11.58
CA GLU A 297 -3.12 -26.66 -12.90
C GLU A 297 -3.55 -25.21 -12.75
N LEU A 298 -2.74 -24.23 -13.10
CA LEU A 298 -3.15 -22.83 -13.17
C LEU A 298 -2.96 -22.42 -14.63
N GLY A 299 -3.92 -21.81 -15.32
CA GLY A 299 -3.64 -21.43 -16.71
C GLY A 299 -3.19 -22.64 -17.53
N GLY A 300 -3.80 -23.79 -17.26
CA GLY A 300 -3.37 -25.05 -17.83
C GLY A 300 -1.90 -25.39 -17.63
N VAL A 301 -1.22 -24.84 -16.63
CA VAL A 301 0.18 -25.24 -16.48
C VAL A 301 0.45 -25.95 -15.16
N ARG A 302 1.24 -27.01 -15.23
CA ARG A 302 1.29 -27.93 -14.11
C ARG A 302 2.28 -27.43 -13.07
N ILE A 303 1.70 -27.03 -11.94
CA ILE A 303 2.47 -26.56 -10.80
C ILE A 303 2.58 -27.69 -9.83
N ALA A 304 3.81 -28.17 -9.65
CA ALA A 304 4.10 -29.21 -8.67
C ALA A 304 4.12 -28.65 -7.25
N LYS A 305 3.57 -29.46 -6.35
CA LYS A 305 3.59 -29.12 -4.95
C LYS A 305 5.02 -29.38 -4.53
N GLY A 306 5.82 -28.57 -3.86
CA GLY A 306 5.68 -27.18 -3.46
C GLY A 306 6.74 -26.34 -4.15
N GLU A 307 6.54 -26.10 -5.45
CA GLU A 307 7.16 -25.02 -6.21
C GLU A 307 6.49 -23.71 -5.78
N GLN A 308 7.22 -22.60 -5.97
CA GLN A 308 6.86 -21.26 -5.49
C GLN A 308 6.20 -20.50 -6.65
N VAL A 309 5.30 -19.57 -6.32
CA VAL A 309 4.55 -18.85 -7.36
C VAL A 309 4.53 -17.38 -6.99
N VAL A 310 4.94 -16.53 -7.92
CA VAL A 310 4.94 -15.08 -7.71
C VAL A 310 3.89 -14.43 -8.59
N ALA A 311 2.90 -13.87 -7.90
CA ALA A 311 1.80 -13.13 -8.51
C ALA A 311 2.27 -11.72 -8.88
N HIS A 312 2.35 -11.38 -10.16
CA HIS A 312 2.73 -10.03 -10.50
C HIS A 312 1.50 -9.14 -10.68
N VAL A 313 1.04 -8.44 -9.66
CA VAL A 313 -0.20 -7.76 -9.87
C VAL A 313 -0.01 -6.57 -10.80
N LEU A 314 1.12 -5.88 -10.80
CA LEU A 314 1.25 -4.86 -11.80
C LEU A 314 1.03 -5.50 -13.16
N ALA A 315 1.64 -6.63 -13.48
CA ALA A 315 1.44 -7.11 -14.84
C ALA A 315 -0.04 -7.41 -15.03
N ALA A 316 -0.72 -7.91 -14.01
CA ALA A 316 -1.98 -8.46 -14.39
C ALA A 316 -2.82 -7.21 -14.68
N ASP A 317 -2.56 -6.08 -14.01
CA ASP A 317 -3.42 -4.92 -14.10
C ASP A 317 -3.14 -4.19 -15.45
N PHE A 318 -2.11 -4.65 -16.13
CA PHE A 318 -1.82 -4.10 -17.43
C PHE A 318 -2.04 -5.18 -18.47
N ASP A 319 -2.93 -6.12 -18.19
CA ASP A 319 -3.15 -7.20 -19.15
C ASP A 319 -4.16 -6.71 -20.18
N PRO A 320 -3.81 -6.73 -21.46
CA PRO A 320 -4.76 -6.12 -22.42
C PRO A 320 -6.03 -6.94 -22.57
N ALA A 321 -6.04 -8.14 -22.02
CA ALA A 321 -7.32 -8.85 -21.90
C ALA A 321 -8.19 -8.28 -20.75
N PHE A 322 -7.60 -7.54 -19.83
CA PHE A 322 -8.43 -7.03 -18.74
C PHE A 322 -8.89 -5.66 -19.16
N VAL A 323 -8.02 -4.76 -19.58
CA VAL A 323 -8.58 -3.50 -20.04
C VAL A 323 -7.95 -3.09 -21.36
N GLU A 324 -8.66 -2.32 -22.17
CA GLU A 324 -8.03 -1.84 -23.40
C GLU A 324 -6.85 -0.90 -23.34
N GLU A 325 -5.83 -1.00 -24.18
CA GLU A 325 -4.75 -0.02 -24.09
C GLU A 325 -4.22 0.27 -22.71
N PRO A 326 -3.77 -0.83 -22.08
CA PRO A 326 -3.60 -0.79 -20.64
C PRO A 326 -2.57 0.24 -20.23
N GLU A 327 -1.74 0.72 -21.14
CA GLU A 327 -0.72 1.68 -20.74
C GLU A 327 -1.19 3.13 -20.83
N ARG A 328 -2.38 3.40 -21.38
CA ARG A 328 -2.97 4.72 -21.29
C ARG A 328 -3.46 4.97 -19.85
N PHE A 329 -3.17 6.13 -19.28
CA PHE A 329 -3.61 6.49 -17.96
C PHE A 329 -4.82 7.33 -18.25
N ASP A 330 -5.98 6.82 -17.83
CA ASP A 330 -7.23 7.40 -18.27
C ASP A 330 -8.14 7.37 -17.07
N ILE A 331 -8.30 8.48 -16.37
CA ILE A 331 -9.26 8.58 -15.27
C ILE A 331 -10.73 8.48 -15.62
N THR A 332 -11.05 8.28 -16.89
CA THR A 332 -12.44 8.06 -17.15
C THR A 332 -12.68 6.57 -17.36
N ARG A 333 -11.78 5.60 -17.14
CA ARG A 333 -12.16 4.23 -17.56
C ARG A 333 -13.42 3.77 -16.83
N ARG A 334 -14.32 3.04 -17.49
CA ARG A 334 -15.32 2.32 -16.72
C ARG A 334 -14.76 1.66 -15.46
N PRO A 335 -15.57 1.61 -14.38
CA PRO A 335 -15.03 0.83 -13.23
C PRO A 335 -14.73 -0.62 -13.61
N ALA A 336 -13.57 -1.17 -13.23
CA ALA A 336 -13.41 -2.63 -13.35
C ALA A 336 -12.62 -3.11 -12.13
N PRO A 337 -12.63 -4.40 -11.79
CA PRO A 337 -11.94 -4.84 -10.58
C PRO A 337 -10.44 -5.08 -10.77
N HIS A 338 -9.62 -4.07 -10.46
CA HIS A 338 -8.20 -4.28 -10.71
C HIS A 338 -7.68 -5.10 -9.56
N LEU A 339 -6.39 -5.42 -9.58
CA LEU A 339 -6.02 -6.25 -8.46
C LEU A 339 -5.11 -5.46 -7.51
N ALA A 340 -5.17 -4.13 -7.39
CA ALA A 340 -4.14 -3.48 -6.58
C ALA A 340 -4.19 -3.88 -5.10
N PHE A 341 -5.37 -4.34 -4.69
CA PHE A 341 -5.62 -4.75 -3.33
C PHE A 341 -5.60 -6.27 -3.17
N GLY A 342 -5.03 -7.02 -4.12
CA GLY A 342 -4.97 -8.50 -4.11
C GLY A 342 -6.34 -9.11 -4.28
N PHE A 343 -6.56 -10.37 -3.92
CA PHE A 343 -7.84 -11.00 -4.24
C PHE A 343 -7.81 -12.27 -3.37
N GLY A 344 -8.99 -12.77 -2.99
CA GLY A 344 -9.01 -13.99 -2.20
C GLY A 344 -8.80 -13.78 -0.73
N ALA A 345 -8.29 -14.82 -0.06
CA ALA A 345 -8.15 -14.83 1.40
C ALA A 345 -7.37 -13.63 1.92
N HIS A 346 -6.35 -13.13 1.22
CA HIS A 346 -5.51 -12.12 1.84
C HIS A 346 -5.86 -10.71 1.33
N GLN A 347 -6.87 -10.59 0.45
CA GLN A 347 -7.21 -9.28 -0.09
C GLN A 347 -7.19 -8.17 0.96
N CYS A 348 -6.57 -7.03 0.66
CA CYS A 348 -6.22 -5.95 1.59
C CYS A 348 -7.42 -5.71 2.52
N ILE A 349 -7.23 -5.87 3.81
CA ILE A 349 -8.34 -5.58 4.70
C ILE A 349 -8.44 -4.08 4.93
N GLY A 350 -7.51 -3.26 4.43
CA GLY A 350 -7.61 -1.81 4.58
C GLY A 350 -8.07 -1.06 3.35
N GLN A 351 -8.59 -1.71 2.30
CA GLN A 351 -8.71 -1.03 0.99
C GLN A 351 -9.72 0.07 1.19
N GLN A 352 -10.60 -0.14 2.14
CA GLN A 352 -11.58 0.91 2.23
C GLN A 352 -11.03 2.13 2.91
N LEU A 353 -10.15 2.02 3.89
CA LEU A 353 -9.46 3.20 4.40
C LEU A 353 -8.50 3.75 3.33
N ALA A 354 -7.91 2.91 2.49
CA ALA A 354 -6.94 3.51 1.54
C ALA A 354 -7.78 4.32 0.56
N ARG A 355 -8.98 3.86 0.18
CA ARG A 355 -9.73 4.52 -0.90
C ARG A 355 -10.22 5.75 -0.20
N ILE A 356 -10.66 5.74 1.05
CA ILE A 356 -11.15 7.04 1.49
C ILE A 356 -9.96 7.95 1.72
N GLU A 357 -8.82 7.52 2.28
CA GLU A 357 -7.77 8.54 2.33
C GLU A 357 -7.41 9.10 0.96
N LEU A 358 -7.18 8.21 -0.02
CA LEU A 358 -6.77 8.78 -1.28
C LEU A 358 -7.80 9.74 -1.83
N GLN A 359 -9.09 9.46 -1.69
CA GLN A 359 -10.12 10.35 -2.22
C GLN A 359 -9.99 11.73 -1.57
N ILE A 360 -9.95 11.79 -0.26
CA ILE A 360 -9.81 13.07 0.34
C ILE A 360 -8.51 13.82 0.10
N VAL A 361 -7.42 13.05 0.10
CA VAL A 361 -6.14 13.65 -0.22
C VAL A 361 -6.18 14.29 -1.59
N PHE A 362 -6.62 13.57 -2.59
CA PHE A 362 -6.55 14.22 -3.89
C PHE A 362 -7.59 15.28 -4.14
N GLU A 363 -8.80 15.11 -3.58
CA GLU A 363 -9.75 16.17 -3.81
C GLU A 363 -9.22 17.43 -3.11
N THR A 364 -8.61 17.38 -1.93
CA THR A 364 -8.32 18.55 -1.19
C THR A 364 -7.06 19.08 -1.83
N LEU A 365 -6.04 18.26 -2.06
CA LEU A 365 -4.82 18.88 -2.62
C LEU A 365 -5.06 19.69 -3.88
N PHE A 366 -5.80 19.14 -4.84
CA PHE A 366 -5.92 19.90 -6.09
C PHE A 366 -6.84 21.09 -5.90
N ARG A 367 -7.77 21.10 -4.94
CA ARG A 367 -8.66 22.26 -4.82
C ARG A 367 -7.81 23.31 -4.16
N ARG A 368 -6.96 22.90 -3.21
CA ARG A 368 -6.47 23.90 -2.30
C ARG A 368 -5.18 24.48 -2.84
N LEU A 369 -4.52 23.88 -3.83
CA LEU A 369 -3.23 24.45 -4.27
C LEU A 369 -3.42 24.57 -5.78
N PRO A 370 -4.13 25.59 -6.25
CA PRO A 370 -4.38 25.78 -7.70
C PRO A 370 -3.05 26.04 -8.37
N GLY A 371 -2.88 25.47 -9.56
CA GLY A 371 -1.66 25.63 -10.30
C GLY A 371 -0.60 24.61 -9.90
N LEU A 372 -0.95 23.64 -9.04
CA LEU A 372 0.04 22.71 -8.47
C LEU A 372 0.74 22.12 -9.67
N ARG A 373 2.07 22.13 -9.63
CA ARG A 373 2.87 21.62 -10.75
C ARG A 373 4.22 21.15 -10.24
N LEU A 374 4.98 20.51 -11.13
CA LEU A 374 6.25 20.07 -10.54
C LEU A 374 7.13 21.29 -10.49
N ALA A 375 8.10 21.42 -9.61
CA ALA A 375 8.95 22.59 -9.50
C ALA A 375 10.09 22.40 -10.48
N LYS A 376 10.38 21.13 -10.72
CA LYS A 376 11.58 20.69 -11.42
C LYS A 376 11.18 19.78 -12.57
N PRO A 377 11.93 19.71 -13.68
CA PRO A 377 11.30 18.91 -14.74
C PRO A 377 11.37 17.40 -14.44
N VAL A 378 10.40 16.66 -14.99
CA VAL A 378 10.18 15.29 -14.52
C VAL A 378 11.39 14.33 -14.60
N GLU A 379 12.30 14.48 -15.56
CA GLU A 379 13.48 13.64 -15.53
C GLU A 379 14.38 13.88 -14.32
N GLU A 380 14.14 14.96 -13.58
CA GLU A 380 14.97 15.13 -12.38
C GLU A 380 14.50 14.34 -11.16
N LEU A 381 13.25 13.88 -11.12
CA LEU A 381 12.76 13.19 -9.94
C LEU A 381 13.61 11.92 -9.78
N ARG A 382 13.88 11.48 -8.56
CA ARG A 382 14.47 10.17 -8.32
C ARG A 382 13.46 9.16 -7.77
N PHE A 383 13.33 8.05 -8.50
CA PHE A 383 12.55 6.85 -8.15
C PHE A 383 13.32 5.65 -7.58
N ARG A 384 12.69 4.78 -6.80
CA ARG A 384 13.23 3.45 -6.58
C ARG A 384 12.07 2.49 -6.76
N HIS A 385 12.32 1.26 -7.24
CA HIS A 385 11.18 0.40 -7.62
C HIS A 385 11.09 -1.00 -6.97
N ASP A 386 11.85 -1.20 -5.89
CA ASP A 386 11.83 -2.49 -5.19
C ASP A 386 11.07 -2.67 -3.85
N ILE A 387 11.45 -3.79 -3.24
CA ILE A 387 10.98 -4.26 -1.95
C ILE A 387 11.46 -3.40 -0.80
N VAL A 388 12.73 -3.00 -0.87
CA VAL A 388 13.26 -1.95 0.03
C VAL A 388 12.48 -0.64 -0.09
N PHE A 389 12.30 -0.17 -1.33
CA PHE A 389 11.50 1.04 -1.57
C PHE A 389 10.83 1.17 -2.95
N TYR A 390 9.62 1.71 -2.91
CA TYR A 390 8.86 1.92 -4.13
C TYR A 390 8.15 3.28 -4.36
N GLY A 391 8.78 4.14 -5.16
CA GLY A 391 8.14 5.41 -5.46
C GLY A 391 9.13 6.51 -5.67
N VAL A 392 8.83 7.68 -5.17
CA VAL A 392 9.62 8.82 -5.54
C VAL A 392 10.25 9.28 -4.23
N HIS A 393 11.53 9.57 -4.21
CA HIS A 393 12.20 10.00 -3.01
C HIS A 393 11.78 11.37 -2.59
N GLU A 394 11.74 12.39 -3.44
CA GLU A 394 11.09 13.63 -3.07
C GLU A 394 10.30 14.13 -4.28
N LEU A 395 9.34 15.02 -3.99
CA LEU A 395 8.40 15.48 -4.99
C LEU A 395 8.29 17.01 -4.82
N PRO A 396 9.24 17.76 -5.40
CA PRO A 396 9.25 19.26 -5.27
C PRO A 396 8.08 19.84 -6.09
N VAL A 397 7.12 20.49 -5.48
CA VAL A 397 6.09 21.05 -6.30
C VAL A 397 6.00 22.49 -5.94
N THR A 398 5.31 23.30 -6.74
CA THR A 398 4.96 24.65 -6.35
C THR A 398 3.55 24.82 -6.95
N TRP A 399 3.00 26.01 -6.82
CA TRP A 399 1.61 26.24 -7.16
C TRP A 399 1.38 27.76 -7.20
N HIS A 400 0.19 28.31 -7.45
CA HIS A 400 0.03 29.76 -7.51
C HIS A 400 -0.21 30.36 -6.14
N HIS A 401 0.68 31.20 -5.65
CA HIS A 401 0.47 31.91 -4.35
C HIS A 401 -0.50 33.08 -4.17
CHA HEM B . -2.89 -6.79 2.26
CHB HEM B . -2.52 -3.52 -1.17
CHC HEM B . -3.29 0.00 1.93
CHD HEM B . -3.74 -3.34 5.44
C1A HEM B . -2.73 -6.10 1.09
C2A HEM B . -2.52 -6.83 -0.14
C3A HEM B . -2.35 -5.89 -1.07
C4A HEM B . -2.56 -4.64 -0.39
CMA HEM B . -2.13 -5.97 -2.61
CAA HEM B . -2.45 -8.37 -0.24
CBA HEM B . -0.98 -8.84 -0.42
CGA HEM B . -1.05 -10.28 -0.89
O1A HEM B . -2.12 -10.88 -1.21
O2A HEM B . -0.07 -11.04 -1.09
C1B HEM B . -2.69 -2.27 -0.68
C2B HEM B . -2.46 -1.07 -1.46
C3B HEM B . -2.67 -0.15 -0.53
C4B HEM B . -2.98 -0.67 0.76
CMB HEM B . -2.10 -0.88 -2.96
CAB HEM B . -2.67 1.31 -0.99
CBB HEM B . -2.90 1.93 0.14
C1C HEM B . -3.57 -0.66 3.10
C2C HEM B . -4.04 0.01 4.31
C3C HEM B . -4.16 -0.95 5.23
C4C HEM B . -3.77 -2.22 4.66
CMC HEM B . -4.38 1.49 4.58
CAC HEM B . -4.55 -0.81 6.69
CBC HEM B . -4.43 0.38 7.34
C1D HEM B . -3.42 -4.59 4.94
C2D HEM B . -3.26 -5.80 5.73
C3D HEM B . -3.02 -6.92 4.72
C4D HEM B . -3.08 -6.19 3.47
CMD HEM B . -3.41 -5.93 7.25
CAD HEM B . -2.85 -8.44 4.92
CBD HEM B . -4.30 -8.93 5.06
CGD HEM B . -4.31 -10.45 5.06
O1D HEM B . -5.41 -11.01 5.30
O2D HEM B . -3.23 -11.07 4.78
NA HEM B . -2.73 -4.73 0.96
NB HEM B . -2.96 -2.04 0.62
NC HEM B . -3.46 -2.04 3.33
ND HEM B . -3.24 -4.84 3.60
FE HEM B . -3.10 -3.42 2.18
N1 PIM C . 0.84 -2.60 2.28
C2 PIM C . -0.44 -2.46 1.88
N3 PIM C . -1.22 -3.33 2.51
C4 PIM C . -0.41 -3.99 3.33
C5 PIM C . 0.86 -3.57 3.20
C6 PIM C . 1.99 -4.03 3.88
C7 PIM C . 3.25 -4.02 3.31
C8 PIM C . 4.39 -4.45 4.00
C9 PIM C . 4.27 -5.01 5.27
C10 PIM C . 3.02 -4.99 5.89
C11 PIM C . 1.90 -4.50 5.20
#